data_1IB8
#
_entry.id   1IB8
#
_entity_poly.entity_id   1
_entity_poly.type   'polypeptide(L)'
_entity_poly.pdbx_seq_one_letter_code
;GSGVDAIATIVELVREVVEPVIEAPFELVDIEYGKIGSDMILSIFVDKPEGITLNDTADLTEMISPVLDTIKPDPFPEQY
FLEITSPGLERPLKTKDAVAGAVGKYIHVGLYQAIDKQKVFEGTLLAFEEDELTMEYMDKTRKKTVQIPYSLVSKARLAV
KLLE
;
_entity_poly.pdbx_strand_id   A
#
# COMPACT_ATOMS: atom_id res chain seq x y z
N GLY A 1 -4.60 -29.38 -9.14
CA GLY A 1 -5.88 -28.69 -9.44
C GLY A 1 -7.02 -29.66 -9.65
N SER A 2 -8.25 -29.18 -9.43
CA SER A 2 -9.43 -30.01 -9.59
C SER A 2 -10.70 -29.17 -9.43
N GLY A 3 -11.85 -29.85 -9.47
CA GLY A 3 -13.11 -29.16 -9.33
C GLY A 3 -13.32 -28.59 -7.93
N VAL A 4 -13.50 -29.48 -6.97
CA VAL A 4 -13.71 -29.06 -5.58
C VAL A 4 -12.44 -28.46 -5.00
N ASP A 5 -12.62 -27.53 -4.07
CA ASP A 5 -11.48 -26.87 -3.43
C ASP A 5 -11.95 -25.89 -2.35
N ALA A 6 -11.36 -25.99 -1.16
CA ALA A 6 -11.72 -25.10 -0.06
C ALA A 6 -11.11 -23.73 -0.24
N ILE A 7 -9.80 -23.69 -0.51
CA ILE A 7 -9.09 -22.43 -0.69
C ILE A 7 -9.82 -21.54 -1.68
N ALA A 8 -10.07 -22.06 -2.88
CA ALA A 8 -10.77 -21.29 -3.90
C ALA A 8 -12.18 -20.97 -3.43
N THR A 9 -12.82 -21.95 -2.78
CA THR A 9 -14.17 -21.77 -2.28
C THR A 9 -14.24 -20.63 -1.27
N ILE A 10 -13.15 -20.46 -0.52
CA ILE A 10 -13.07 -19.40 0.48
C ILE A 10 -13.06 -18.03 -0.17
N VAL A 11 -12.31 -17.90 -1.27
CA VAL A 11 -12.22 -16.64 -1.98
C VAL A 11 -13.60 -16.16 -2.44
N GLU A 12 -14.37 -17.09 -3.01
CA GLU A 12 -15.70 -16.77 -3.50
C GLU A 12 -16.58 -16.22 -2.37
N LEU A 13 -16.61 -16.92 -1.24
CA LEU A 13 -17.42 -16.49 -0.11
C LEU A 13 -16.88 -15.19 0.49
N VAL A 14 -15.59 -15.18 0.79
CA VAL A 14 -14.95 -14.00 1.37
C VAL A 14 -15.27 -12.75 0.56
N ARG A 15 -15.36 -12.90 -0.75
CA ARG A 15 -15.68 -11.79 -1.64
C ARG A 15 -17.16 -11.46 -1.54
N GLU A 16 -17.98 -12.50 -1.61
CA GLU A 16 -19.43 -12.36 -1.53
C GLU A 16 -19.89 -11.86 -0.17
N VAL A 17 -19.00 -11.88 0.83
CA VAL A 17 -19.33 -11.41 2.16
C VAL A 17 -18.65 -10.08 2.47
N VAL A 18 -17.67 -9.69 1.65
CA VAL A 18 -16.95 -8.44 1.86
C VAL A 18 -17.77 -7.26 1.36
N GLU A 19 -18.50 -7.47 0.27
CA GLU A 19 -19.32 -6.41 -0.32
C GLU A 19 -20.46 -6.03 0.62
N PRO A 20 -21.33 -7.00 0.96
CA PRO A 20 -22.47 -6.76 1.85
C PRO A 20 -22.04 -6.67 3.31
N VAL A 21 -21.18 -5.70 3.62
CA VAL A 21 -20.70 -5.49 4.98
C VAL A 21 -20.10 -4.10 5.14
N ILE A 22 -18.92 -3.89 4.54
CA ILE A 22 -18.24 -2.61 4.63
C ILE A 22 -19.00 -1.53 3.86
N GLU A 23 -19.37 -1.85 2.62
CA GLU A 23 -20.11 -0.91 1.78
C GLU A 23 -19.44 0.46 1.78
N ALA A 24 -18.15 0.48 1.44
CA ALA A 24 -17.40 1.73 1.40
C ALA A 24 -17.41 2.41 2.77
N PRO A 25 -16.62 3.49 2.96
CA PRO A 25 -15.76 4.07 1.90
C PRO A 25 -14.59 3.15 1.55
N PHE A 26 -14.17 2.35 2.52
CA PHE A 26 -13.06 1.42 2.31
C PHE A 26 -13.37 0.44 1.19
N GLU A 27 -12.70 0.61 0.06
CA GLU A 27 -12.91 -0.27 -1.10
C GLU A 27 -12.01 -1.50 -1.01
N LEU A 28 -12.55 -2.65 -1.40
CA LEU A 28 -11.78 -3.90 -1.37
C LEU A 28 -10.86 -4.00 -2.58
N VAL A 29 -9.58 -4.26 -2.32
CA VAL A 29 -8.61 -4.38 -3.39
C VAL A 29 -8.48 -5.82 -3.87
N ASP A 30 -8.28 -6.74 -2.92
CA ASP A 30 -8.15 -8.15 -3.25
C ASP A 30 -8.00 -9.00 -1.98
N ILE A 31 -7.93 -10.31 -2.16
CA ILE A 31 -7.78 -11.22 -1.03
C ILE A 31 -7.11 -12.52 -1.49
N GLU A 32 -6.18 -13.01 -0.67
CA GLU A 32 -5.47 -14.25 -0.98
C GLU A 32 -4.96 -14.91 0.29
N TYR A 33 -4.35 -16.08 0.13
CA TYR A 33 -3.81 -16.82 1.26
C TYR A 33 -2.36 -17.20 1.01
N GLY A 34 -1.57 -17.26 2.08
CA GLY A 34 -0.17 -17.60 1.96
C GLY A 34 0.25 -18.72 2.90
N LYS A 35 1.44 -19.25 2.68
CA LYS A 35 1.96 -20.33 3.52
C LYS A 35 3.11 -19.85 4.39
N ILE A 36 2.87 -19.75 5.69
CA ILE A 36 3.89 -19.29 6.62
C ILE A 36 4.26 -20.39 7.61
N GLY A 37 5.32 -21.12 7.30
CA GLY A 37 5.76 -22.20 8.17
C GLY A 37 4.75 -23.34 8.24
N SER A 38 3.70 -23.14 9.04
CA SER A 38 2.66 -24.15 9.20
C SER A 38 1.33 -23.50 9.59
N ASP A 39 1.03 -22.37 8.96
CA ASP A 39 -0.19 -21.64 9.24
C ASP A 39 -0.65 -20.90 7.99
N MET A 40 -1.90 -21.09 7.62
CA MET A 40 -2.45 -20.43 6.43
C MET A 40 -2.77 -18.97 6.71
N ILE A 41 -1.93 -18.08 6.20
CA ILE A 41 -2.13 -16.65 6.41
C ILE A 41 -3.13 -16.08 5.41
N LEU A 42 -4.07 -15.30 5.91
CA LEU A 42 -5.06 -14.65 5.06
C LEU A 42 -4.72 -13.17 4.95
N SER A 43 -4.71 -12.65 3.73
CA SER A 43 -4.37 -11.25 3.54
C SER A 43 -5.44 -10.52 2.75
N ILE A 44 -6.26 -9.75 3.45
CA ILE A 44 -7.32 -8.97 2.81
C ILE A 44 -6.79 -7.58 2.46
N PHE A 45 -6.57 -7.36 1.17
CA PHE A 45 -6.05 -6.08 0.70
C PHE A 45 -7.17 -5.09 0.42
N VAL A 46 -7.15 -3.97 1.14
CA VAL A 46 -8.17 -2.93 0.98
C VAL A 46 -7.52 -1.59 0.64
N ASP A 47 -8.21 -0.80 -0.18
CA ASP A 47 -7.71 0.50 -0.59
C ASP A 47 -8.60 1.63 -0.06
N LYS A 48 -8.02 2.81 0.09
CA LYS A 48 -8.76 3.97 0.56
C LYS A 48 -8.56 5.16 -0.37
N PRO A 49 -9.47 6.15 -0.29
CA PRO A 49 -9.40 7.35 -1.13
C PRO A 49 -8.14 8.17 -0.87
N GLU A 50 -7.83 8.36 0.41
CA GLU A 50 -6.65 9.13 0.80
C GLU A 50 -6.55 9.23 2.32
N GLY A 51 -5.90 8.25 2.93
CA GLY A 51 -5.74 8.26 4.38
C GLY A 51 -5.38 6.89 4.93
N ILE A 52 -6.37 6.21 5.52
CA ILE A 52 -6.16 4.89 6.11
C ILE A 52 -5.01 4.90 7.12
N THR A 53 -4.83 3.79 7.81
CA THR A 53 -3.76 3.67 8.81
C THR A 53 -3.88 2.34 9.56
N LEU A 54 -3.02 2.18 10.57
CA LEU A 54 -3.02 0.96 11.37
C LEU A 54 -4.31 0.83 12.19
N ASN A 55 -4.94 1.96 12.47
CA ASN A 55 -6.18 1.97 13.24
C ASN A 55 -7.35 1.45 12.41
N ASP A 56 -7.36 1.82 11.12
CA ASP A 56 -8.41 1.39 10.22
C ASP A 56 -8.35 -0.12 9.99
N THR A 57 -7.14 -0.66 9.93
CA THR A 57 -6.95 -2.09 9.71
C THR A 57 -7.61 -2.90 10.83
N ALA A 58 -7.33 -2.52 12.07
CA ALA A 58 -7.89 -3.22 13.23
C ALA A 58 -9.41 -3.19 13.19
N ASP A 59 -9.97 -2.06 12.78
CA ASP A 59 -11.42 -1.90 12.71
C ASP A 59 -11.98 -2.66 11.51
N LEU A 60 -11.25 -2.65 10.41
CA LEU A 60 -11.67 -3.33 9.20
C LEU A 60 -11.81 -4.84 9.44
N THR A 61 -10.78 -5.44 10.01
CA THR A 61 -10.80 -6.87 10.30
C THR A 61 -11.97 -7.22 11.21
N GLU A 62 -12.10 -6.46 12.30
CA GLU A 62 -13.18 -6.69 13.25
C GLU A 62 -14.52 -6.79 12.55
N MET A 63 -14.65 -6.03 11.46
CA MET A 63 -15.88 -6.02 10.68
C MET A 63 -16.04 -7.31 9.86
N ILE A 64 -14.93 -7.78 9.31
CA ILE A 64 -14.94 -9.00 8.51
C ILE A 64 -15.01 -10.26 9.39
N SER A 65 -14.49 -10.15 10.61
CA SER A 65 -14.49 -11.27 11.54
C SER A 65 -15.86 -11.96 11.59
N PRO A 66 -16.91 -11.19 11.94
CA PRO A 66 -18.28 -11.72 12.03
C PRO A 66 -18.62 -12.64 10.86
N VAL A 67 -18.16 -12.27 9.67
CA VAL A 67 -18.42 -13.06 8.47
C VAL A 67 -17.16 -13.79 8.00
N LEU A 68 -16.31 -14.15 8.96
CA LEU A 68 -15.07 -14.86 8.65
C LEU A 68 -15.13 -16.30 9.14
N ASP A 69 -15.86 -16.52 10.23
CA ASP A 69 -16.00 -17.86 10.80
C ASP A 69 -17.30 -18.51 10.36
N THR A 70 -17.75 -18.17 9.16
CA THR A 70 -18.99 -18.72 8.61
C THR A 70 -18.88 -18.93 7.11
N ILE A 71 -17.67 -19.24 6.65
CA ILE A 71 -17.42 -19.46 5.23
C ILE A 71 -17.52 -20.94 4.88
N LYS A 72 -18.56 -21.60 5.39
CA LYS A 72 -18.76 -23.02 5.14
C LYS A 72 -19.41 -23.24 3.77
N PRO A 73 -19.28 -24.46 3.22
CA PRO A 73 -18.56 -25.55 3.87
C PRO A 73 -17.05 -25.42 3.73
N ASP A 74 -16.36 -25.35 4.87
CA ASP A 74 -14.91 -25.22 4.87
C ASP A 74 -14.38 -25.05 6.29
N PRO A 75 -14.40 -26.13 7.08
CA PRO A 75 -13.94 -26.11 8.47
C PRO A 75 -12.42 -26.28 8.57
N PHE A 76 -11.70 -25.16 8.48
CA PHE A 76 -10.24 -25.19 8.56
C PHE A 76 -9.78 -26.01 9.76
N PRO A 77 -8.61 -26.64 9.66
CA PRO A 77 -8.05 -27.47 10.73
C PRO A 77 -7.96 -26.69 12.06
N GLU A 78 -7.17 -25.63 12.07
CA GLU A 78 -6.99 -24.81 13.26
C GLU A 78 -5.84 -23.83 13.09
N GLN A 79 -4.72 -24.33 12.55
CA GLN A 79 -3.54 -23.50 12.33
C GLN A 79 -3.73 -22.58 11.12
N TYR A 80 -4.41 -21.47 11.34
CA TYR A 80 -4.66 -20.50 10.27
C TYR A 80 -4.50 -19.07 10.78
N PHE A 81 -3.73 -18.28 10.05
CA PHE A 81 -3.49 -16.88 10.43
C PHE A 81 -4.25 -15.92 9.52
N LEU A 82 -4.58 -14.74 10.04
CA LEU A 82 -5.31 -13.74 9.28
C LEU A 82 -4.69 -12.35 9.50
N GLU A 83 -4.65 -11.55 8.42
CA GLU A 83 -4.08 -10.21 8.51
C GLU A 83 -4.68 -9.28 7.46
N ILE A 84 -4.87 -8.02 7.84
CA ILE A 84 -5.43 -7.03 6.94
C ILE A 84 -4.42 -5.91 6.67
N THR A 85 -4.22 -5.57 5.39
CA THR A 85 -3.28 -4.52 5.02
C THR A 85 -3.73 -3.78 3.77
N SER A 86 -3.24 -2.57 3.59
CA SER A 86 -3.59 -1.76 2.43
C SER A 86 -2.44 -1.73 1.43
N PRO A 87 -2.76 -1.59 0.14
CA PRO A 87 -1.76 -1.55 -0.93
C PRO A 87 -1.07 -0.19 -1.03
N GLY A 88 -1.86 0.88 -0.97
CA GLY A 88 -1.31 2.21 -1.05
C GLY A 88 -0.79 2.53 -2.45
N LEU A 89 0.30 1.88 -2.83
CA LEU A 89 0.90 2.10 -4.14
C LEU A 89 1.75 0.90 -4.55
N GLU A 90 2.87 0.72 -3.87
CA GLU A 90 3.77 -0.39 -4.17
C GLU A 90 5.08 -0.25 -3.39
N ARG A 91 5.52 0.99 -3.22
CA ARG A 91 6.76 1.27 -2.49
C ARG A 91 6.88 2.75 -2.18
N PRO A 92 6.05 3.24 -1.24
CA PRO A 92 6.06 4.65 -0.84
C PRO A 92 7.35 5.05 -0.12
N LEU A 93 7.46 6.33 0.21
CA LEU A 93 8.65 6.83 0.89
C LEU A 93 8.38 6.99 2.39
N LYS A 94 7.53 6.11 2.93
CA LYS A 94 7.19 6.15 4.34
C LYS A 94 8.45 6.24 5.20
N THR A 95 9.48 5.51 4.80
CA THR A 95 10.74 5.50 5.54
C THR A 95 11.92 5.69 4.59
N LYS A 96 13.04 6.16 5.15
CA LYS A 96 14.25 6.39 4.36
C LYS A 96 14.69 5.10 3.65
N ASP A 97 14.26 3.96 4.17
CA ASP A 97 14.63 2.68 3.57
C ASP A 97 14.13 2.60 2.13
N ALA A 98 12.97 3.19 1.90
CA ALA A 98 12.39 3.21 0.56
C ALA A 98 13.12 4.22 -0.32
N VAL A 99 13.45 5.37 0.26
CA VAL A 99 14.14 6.42 -0.48
C VAL A 99 15.53 5.96 -0.92
N ALA A 100 16.31 5.46 0.03
CA ALA A 100 17.65 4.98 -0.25
C ALA A 100 17.62 3.80 -1.21
N GLY A 101 16.54 3.02 -1.16
CA GLY A 101 16.40 1.87 -2.02
C GLY A 101 15.95 2.22 -3.43
N ALA A 102 15.00 3.16 -3.53
CA ALA A 102 14.48 3.57 -4.83
C ALA A 102 15.62 3.86 -5.80
N VAL A 103 16.22 5.04 -5.66
CA VAL A 103 17.32 5.45 -6.53
C VAL A 103 17.06 5.14 -8.00
N GLY A 104 16.58 6.13 -8.74
CA GLY A 104 16.30 5.95 -10.15
C GLY A 104 14.83 6.01 -10.48
N LYS A 105 14.04 6.69 -9.64
CA LYS A 105 12.59 6.78 -9.86
C LYS A 105 12.07 8.20 -9.83
N TYR A 106 10.89 8.41 -10.43
CA TYR A 106 10.28 9.73 -10.47
C TYR A 106 9.37 9.92 -9.27
N ILE A 107 9.71 10.87 -8.40
CA ILE A 107 8.93 11.09 -7.19
C ILE A 107 8.37 12.50 -7.09
N HIS A 108 7.23 12.60 -6.42
CA HIS A 108 6.56 13.87 -6.19
C HIS A 108 6.42 14.10 -4.69
N VAL A 109 6.87 15.24 -4.20
CA VAL A 109 6.82 15.52 -2.77
C VAL A 109 6.19 16.87 -2.47
N GLY A 110 5.25 16.87 -1.52
CA GLY A 110 4.60 18.10 -1.12
C GLY A 110 4.92 18.45 0.32
N LEU A 111 5.54 19.60 0.54
CA LEU A 111 5.91 20.02 1.88
C LEU A 111 4.93 21.04 2.43
N TYR A 112 4.93 21.19 3.75
CA TYR A 112 4.03 22.14 4.41
C TYR A 112 4.40 23.57 4.05
N GLN A 113 5.69 23.80 3.79
CA GLN A 113 6.17 25.13 3.43
C GLN A 113 6.71 25.14 2.00
N ALA A 114 7.94 24.68 1.83
CA ALA A 114 8.57 24.64 0.50
C ALA A 114 10.05 24.31 0.60
N ILE A 115 10.56 23.62 -0.41
CA ILE A 115 11.97 23.23 -0.45
C ILE A 115 12.78 24.20 -1.29
N ASP A 116 12.16 24.68 -2.37
CA ASP A 116 12.81 25.63 -3.28
C ASP A 116 11.79 26.58 -3.89
N LYS A 117 11.11 27.32 -3.02
CA LYS A 117 10.10 28.28 -3.47
C LYS A 117 8.89 27.56 -4.09
N GLN A 118 8.62 26.36 -3.59
CA GLN A 118 7.50 25.56 -4.08
C GLN A 118 7.09 24.52 -3.06
N LYS A 119 5.79 24.26 -2.98
CA LYS A 119 5.25 23.28 -2.04
C LYS A 119 5.32 21.86 -2.61
N VAL A 120 4.74 21.68 -3.79
CA VAL A 120 4.72 20.37 -4.44
C VAL A 120 5.45 20.40 -5.78
N PHE A 121 6.40 19.49 -5.94
CA PHE A 121 7.17 19.42 -7.18
C PHE A 121 7.37 17.97 -7.61
N GLU A 122 7.65 17.77 -8.90
CA GLU A 122 7.87 16.43 -9.43
C GLU A 122 9.33 16.30 -9.87
N GLY A 123 10.03 15.28 -9.39
CA GLY A 123 11.41 15.11 -9.77
C GLY A 123 11.89 13.69 -9.63
N THR A 124 12.88 13.31 -10.44
CA THR A 124 13.42 11.96 -10.41
C THR A 124 14.59 11.86 -9.43
N LEU A 125 14.49 10.92 -8.50
CA LEU A 125 15.55 10.70 -7.53
C LEU A 125 16.65 9.86 -8.15
N LEU A 126 17.76 10.53 -8.47
CA LEU A 126 18.89 9.88 -9.11
C LEU A 126 19.72 9.04 -8.16
N ALA A 127 19.79 9.43 -6.87
CA ALA A 127 20.58 8.65 -5.92
C ALA A 127 20.39 9.14 -4.48
N PHE A 128 20.82 8.30 -3.54
CA PHE A 128 20.72 8.63 -2.12
C PHE A 128 22.07 8.43 -1.43
N GLU A 129 22.62 9.51 -0.88
CA GLU A 129 23.91 9.44 -0.21
C GLU A 129 24.06 10.57 0.81
N GLU A 130 24.60 10.24 1.98
CA GLU A 130 24.81 11.22 3.03
C GLU A 130 23.48 11.78 3.54
N ASP A 131 22.53 10.88 3.78
CA ASP A 131 21.22 11.27 4.28
C ASP A 131 20.59 12.35 3.38
N GLU A 132 21.01 12.39 2.11
CA GLU A 132 20.49 13.37 1.17
C GLU A 132 20.08 12.69 -0.13
N LEU A 133 19.03 13.21 -0.76
CA LEU A 133 18.54 12.65 -2.01
C LEU A 133 18.77 13.62 -3.18
N THR A 134 19.62 13.22 -4.12
CA THR A 134 19.88 14.04 -5.30
C THR A 134 18.86 13.72 -6.37
N MET A 135 18.05 14.71 -6.73
CA MET A 135 17.01 14.49 -7.73
C MET A 135 16.80 15.71 -8.60
N GLU A 136 16.32 15.46 -9.82
CA GLU A 136 16.02 16.52 -10.77
C GLU A 136 14.58 16.94 -10.58
N TYR A 137 14.37 18.17 -10.11
CA TYR A 137 13.03 18.66 -9.84
C TYR A 137 12.41 19.34 -11.05
N MET A 138 11.08 19.36 -11.07
CA MET A 138 10.32 19.98 -12.15
C MET A 138 9.27 20.92 -11.57
N ASP A 139 9.31 22.18 -12.00
CA ASP A 139 8.37 23.18 -11.52
C ASP A 139 8.22 24.32 -12.52
N LYS A 140 6.97 24.68 -12.81
CA LYS A 140 6.69 25.76 -13.74
C LYS A 140 7.55 25.66 -15.00
N THR A 141 7.55 24.50 -15.62
CA THR A 141 8.33 24.28 -16.83
C THR A 141 9.82 24.55 -16.57
N ARG A 142 10.33 24.02 -15.48
CA ARG A 142 11.73 24.19 -15.11
C ARG A 142 12.32 22.89 -14.58
N LYS A 143 13.22 22.30 -15.34
CA LYS A 143 13.86 21.04 -14.95
C LYS A 143 15.30 21.27 -14.51
N LYS A 144 15.54 21.17 -13.21
CA LYS A 144 16.88 21.36 -12.66
C LYS A 144 17.20 20.32 -11.61
N THR A 145 18.43 20.34 -11.11
CA THR A 145 18.85 19.40 -10.08
C THR A 145 18.88 20.10 -8.72
N VAL A 146 18.32 19.44 -7.71
CA VAL A 146 18.28 20.01 -6.37
C VAL A 146 18.42 18.94 -5.31
N GLN A 147 19.02 19.31 -4.18
CA GLN A 147 19.22 18.38 -3.08
C GLN A 147 18.07 18.53 -2.08
N ILE A 148 17.51 17.40 -1.67
CA ILE A 148 16.41 17.41 -0.72
C ILE A 148 16.83 16.81 0.62
N PRO A 149 16.57 17.51 1.74
CA PRO A 149 16.93 17.03 3.08
C PRO A 149 16.30 15.67 3.40
N TYR A 150 16.20 15.36 4.68
CA TYR A 150 15.62 14.10 5.12
C TYR A 150 14.85 14.30 6.42
N SER A 151 13.62 14.81 6.30
CA SER A 151 12.73 15.05 7.44
C SER A 151 11.68 16.13 7.15
N LEU A 152 11.25 16.27 5.89
CA LEU A 152 10.26 17.28 5.54
C LEU A 152 9.28 16.77 4.48
N VAL A 153 9.12 15.44 4.41
CA VAL A 153 8.22 14.84 3.43
C VAL A 153 6.81 14.68 4.01
N SER A 154 5.85 15.32 3.38
CA SER A 154 4.46 15.25 3.82
C SER A 154 3.62 14.45 2.84
N LYS A 155 3.79 14.75 1.55
CA LYS A 155 3.06 14.05 0.50
C LYS A 155 4.00 13.47 -0.54
N ALA A 156 4.77 12.46 -0.12
CA ALA A 156 5.72 11.81 -1.02
C ALA A 156 5.13 10.51 -1.56
N ARG A 157 5.00 10.44 -2.88
CA ARG A 157 4.45 9.25 -3.53
C ARG A 157 5.27 8.87 -4.76
N LEU A 158 5.25 7.58 -5.10
CA LEU A 158 5.98 7.08 -6.25
C LEU A 158 5.42 7.64 -7.55
N ALA A 159 6.27 7.76 -8.56
CA ALA A 159 5.86 8.28 -9.86
C ALA A 159 6.77 7.79 -10.97
N VAL A 160 6.28 7.83 -12.20
CA VAL A 160 7.04 7.40 -13.36
C VAL A 160 7.09 8.49 -14.42
N LYS A 161 8.28 9.01 -14.69
CA LYS A 161 8.46 10.06 -15.68
C LYS A 161 8.06 9.57 -17.06
N LEU A 162 6.90 10.00 -17.54
CA LEU A 162 6.40 9.60 -18.85
C LEU A 162 6.26 8.09 -18.94
N LEU A 163 5.70 7.62 -20.06
CA LEU A 163 5.51 6.19 -20.27
C LEU A 163 6.57 5.63 -21.21
N GLU A 164 6.85 6.37 -22.28
CA GLU A 164 7.83 5.94 -23.27
C GLU A 164 9.25 6.21 -22.76
#